data_3VGM
#
_entry.id   3VGM
#
_cell.length_a   108.190
_cell.length_b   108.190
_cell.length_c   141.180
_cell.angle_alpha   90.000
_cell.angle_beta   90.000
_cell.angle_gamma   120.000
#
_symmetry.space_group_name_H-M   'P 64 2 2'
#
loop_
_entity.id
_entity.type
_entity.pdbx_description
1 polymer Glucokinase
2 non-polymer beta-D-glucopyranose
3 non-polymer 'ZINC ION'
4 non-polymer 'POTASSIUM ION'
5 water water
#
_entity_poly.entity_id   1
_entity_poly.type   'polypeptide(L)'
_entity_poly.pdbx_seq_one_letter_code
;MGLTIGVDIGGTKIAAGVVDEEGRILSTFKVATPPTAEGIVDAICAAVAGASEGHDVEAVGIGAAGYVDDKRATVLFAPN
IDWRHEPLKDKVEQRVGLPVVVENDANAAAWGEYRFGAGQGHDDVICITLGTGLGGGIIIGNKLRRGRFGVAAEFGHIRV
VPDGLLCGCGSQGCWEQYASGRALVRYAKQRANATPENAAVLLGLGDGSVDGIEGKHISEAARQGDPVAVDSFRELARWA
GAGLADLASLFDPSAFIVGGGVSDEGELVLDPIRKSFRRWLIGGEWRPHAQVLAAQLGGKAGLVGAADLARQGLEHHHHH
H
;
_entity_poly.pdbx_strand_id   A
#
loop_
_chem_comp.id
_chem_comp.type
_chem_comp.name
_chem_comp.formula
BGC D-saccharide, beta linking beta-D-glucopyranose 'C6 H12 O6'
K non-polymer 'POTASSIUM ION' 'K 1'
ZN non-polymer 'ZINC ION' 'Zn 2'
#
# COMPACT_ATOMS: atom_id res chain seq x y z
N GLY A 2 -22.31 13.02 6.29
CA GLY A 2 -22.86 11.85 7.01
C GLY A 2 -21.84 10.71 6.96
N LEU A 3 -22.28 9.53 7.39
CA LEU A 3 -21.46 8.32 7.45
C LEU A 3 -21.35 7.63 6.11
N THR A 4 -20.16 7.11 5.80
CA THR A 4 -19.97 6.30 4.62
C THR A 4 -19.24 5.02 5.01
N ILE A 5 -19.21 4.05 4.09
CA ILE A 5 -18.47 2.82 4.33
C ILE A 5 -17.23 2.79 3.43
N GLY A 6 -16.10 2.35 3.98
CA GLY A 6 -14.92 2.06 3.17
C GLY A 6 -14.72 0.56 3.11
N VAL A 7 -14.25 0.09 1.96
CA VAL A 7 -13.98 -1.34 1.77
C VAL A 7 -12.53 -1.49 1.36
N ASP A 8 -11.83 -2.41 2.02
CA ASP A 8 -10.46 -2.78 1.66
C ASP A 8 -10.50 -4.21 1.15
N ILE A 9 -10.14 -4.41 -0.11
CA ILE A 9 -10.10 -5.74 -0.70
C ILE A 9 -8.68 -6.24 -0.60
N GLY A 10 -8.46 -7.21 0.30
CA GLY A 10 -7.13 -7.75 0.54
C GLY A 10 -6.98 -9.10 -0.12
N GLY A 11 -5.77 -9.66 -0.09
CA GLY A 11 -5.52 -10.99 -0.65
C GLY A 11 -6.18 -12.12 0.15
N THR A 12 -6.36 -11.90 1.45
CA THR A 12 -6.91 -12.91 2.38
C THR A 12 -8.27 -12.53 2.97
N LYS A 13 -8.42 -11.25 3.29
CA LYS A 13 -9.67 -10.73 3.84
C LYS A 13 -10.16 -9.47 3.12
N ILE A 14 -11.48 -9.30 3.12
CA ILE A 14 -12.16 -8.10 2.68
C ILE A 14 -12.77 -7.48 3.94
N ALA A 15 -12.40 -6.23 4.22
CA ALA A 15 -12.91 -5.55 5.42
C ALA A 15 -13.74 -4.34 4.99
N ALA A 16 -14.89 -4.15 5.63
CA ALA A 16 -15.69 -2.96 5.40
C ALA A 16 -15.88 -2.28 6.76
N GLY A 17 -15.88 -0.96 6.77
CA GLY A 17 -16.04 -0.21 8.00
C GLY A 17 -16.85 1.05 7.77
N VAL A 18 -17.72 1.37 8.73
CA VAL A 18 -18.43 2.64 8.73
C VAL A 18 -17.48 3.70 9.28
N VAL A 19 -17.35 4.80 8.54
CA VAL A 19 -16.38 5.85 8.87
C VAL A 19 -17.07 7.21 8.97
N ASP A 20 -16.81 7.94 10.05
CA ASP A 20 -17.41 9.26 10.18
C ASP A 20 -16.62 10.38 9.46
N GLU A 21 -17.08 11.62 9.61
CA GLU A 21 -16.50 12.74 8.85
C GLU A 21 -15.12 13.12 9.36
N GLU A 22 -14.79 12.67 10.57
CA GLU A 22 -13.46 12.87 11.14
C GLU A 22 -12.52 11.69 10.89
N GLY A 23 -12.96 10.75 10.06
CA GLY A 23 -12.18 9.57 9.70
C GLY A 23 -12.15 8.49 10.76
N ARG A 24 -13.09 8.53 11.70
CA ARG A 24 -13.14 7.55 12.78
C ARG A 24 -13.93 6.33 12.38
N ILE A 25 -13.39 5.14 12.66
CA ILE A 25 -14.05 3.92 12.26
C ILE A 25 -14.98 3.48 13.37
N LEU A 26 -16.27 3.40 13.06
CA LEU A 26 -17.28 3.07 14.05
C LEU A 26 -17.62 1.57 14.09
N SER A 27 -17.40 0.86 12.98
CA SER A 27 -17.72 -0.57 12.93
C SER A 27 -16.80 -1.18 11.89
N THR A 28 -16.49 -2.46 12.04
CA THR A 28 -15.64 -3.17 11.07
C THR A 28 -16.17 -4.61 10.93
N PHE A 29 -16.36 -5.05 9.69
CA PHE A 29 -16.78 -6.42 9.46
C PHE A 29 -15.89 -7.00 8.39
N LYS A 30 -15.37 -8.19 8.66
CA LYS A 30 -14.44 -8.82 7.75
C LYS A 30 -15.03 -10.10 7.20
N VAL A 31 -14.75 -10.38 5.92
CA VAL A 31 -15.15 -11.63 5.27
C VAL A 31 -13.94 -12.22 4.54
N ALA A 32 -13.93 -13.54 4.36
CA ALA A 32 -12.81 -14.18 3.66
C ALA A 32 -12.85 -13.77 2.21
N THR A 33 -11.69 -13.49 1.63
CA THR A 33 -11.62 -13.26 0.19
C THR A 33 -11.79 -14.61 -0.51
N PRO A 34 -12.84 -14.74 -1.34
CA PRO A 34 -13.11 -16.00 -2.05
C PRO A 34 -12.04 -16.24 -3.13
N PRO A 35 -11.88 -17.51 -3.56
CA PRO A 35 -10.85 -17.81 -4.57
C PRO A 35 -11.25 -17.31 -5.96
N THR A 36 -12.53 -16.99 -6.14
CA THR A 36 -13.13 -16.62 -7.42
C THR A 36 -13.46 -15.11 -7.54
N ALA A 37 -13.26 -14.54 -8.73
CA ALA A 37 -13.61 -13.14 -9.02
C ALA A 37 -15.09 -12.82 -8.79
N GLU A 38 -15.95 -13.69 -9.32
CA GLU A 38 -17.41 -13.56 -9.17
C GLU A 38 -17.83 -13.57 -7.69
N GLY A 39 -17.17 -14.42 -6.90
CA GLY A 39 -17.42 -14.47 -5.48
C GLY A 39 -17.05 -13.18 -4.76
N ILE A 40 -15.99 -12.51 -5.24
CA ILE A 40 -15.48 -11.30 -4.58
C ILE A 40 -16.57 -10.22 -4.49
N VAL A 41 -17.41 -10.10 -5.52
CA VAL A 41 -18.54 -9.16 -5.49
C VAL A 41 -19.56 -9.46 -4.39
N ASP A 42 -19.98 -10.72 -4.25
CA ASP A 42 -20.91 -11.09 -3.18
C ASP A 42 -20.28 -10.80 -1.84
N ALA A 43 -18.98 -11.11 -1.72
CA ALA A 43 -18.27 -10.92 -0.47
C ALA A 43 -18.20 -9.45 -0.09
N ILE A 44 -17.89 -8.58 -1.05
CA ILE A 44 -17.93 -7.13 -0.82
C ILE A 44 -19.30 -6.72 -0.29
N CYS A 45 -20.37 -7.24 -0.89
CA CYS A 45 -21.71 -6.90 -0.45
C CYS A 45 -22.05 -7.40 0.96
N ALA A 46 -21.55 -8.59 1.30
CA ALA A 46 -21.75 -9.13 2.64
C ALA A 46 -20.98 -8.31 3.66
N ALA A 47 -19.75 -7.91 3.32
CA ALA A 47 -18.94 -7.08 4.22
C ALA A 47 -19.62 -5.74 4.49
N VAL A 48 -20.12 -5.12 3.43
CA VAL A 48 -20.85 -3.85 3.56
C VAL A 48 -22.10 -3.99 4.45
N ALA A 49 -22.86 -5.08 4.24
CA ALA A 49 -24.06 -5.32 5.06
C ALA A 49 -23.73 -5.50 6.55
N GLY A 50 -22.69 -6.28 6.84
CA GLY A 50 -22.28 -6.51 8.21
C GLY A 50 -21.80 -5.26 8.91
N ALA A 51 -20.99 -4.44 8.22
CA ALA A 51 -20.51 -3.19 8.80
C ALA A 51 -21.62 -2.15 9.00
N SER A 52 -22.59 -2.16 8.09
CA SER A 52 -23.63 -1.13 8.01
C SER A 52 -24.69 -1.24 9.11
N GLU A 53 -24.83 -2.42 9.70
CA GLU A 53 -25.87 -2.66 10.70
C GLU A 53 -25.84 -1.61 11.80
N GLY A 54 -26.97 -0.91 11.97
CA GLY A 54 -27.11 0.10 13.01
C GLY A 54 -26.58 1.50 12.69
N HIS A 55 -26.20 1.72 11.42
CA HIS A 55 -25.68 3.00 10.99
C HIS A 55 -26.40 3.49 9.73
N ASP A 56 -26.65 4.80 9.67
CA ASP A 56 -27.22 5.44 8.47
C ASP A 56 -26.11 5.75 7.45
N VAL A 57 -25.89 4.82 6.52
CA VAL A 57 -24.77 4.92 5.57
C VAL A 57 -25.23 5.59 4.26
N GLU A 58 -24.44 6.56 3.79
CA GLU A 58 -24.81 7.35 2.59
C GLU A 58 -24.13 6.94 1.30
N ALA A 59 -22.94 6.33 1.39
CA ALA A 59 -22.17 5.97 0.21
C ALA A 59 -21.15 4.90 0.58
N VAL A 60 -20.62 4.21 -0.44
CA VAL A 60 -19.61 3.17 -0.25
C VAL A 60 -18.37 3.49 -1.12
N GLY A 61 -17.18 3.47 -0.51
CA GLY A 61 -15.96 3.62 -1.27
C GLY A 61 -15.20 2.30 -1.21
N ILE A 62 -14.72 1.83 -2.36
CA ILE A 62 -14.01 0.57 -2.46
C ILE A 62 -12.58 0.82 -2.96
N GLY A 63 -11.60 0.36 -2.18
CA GLY A 63 -10.17 0.44 -2.60
C GLY A 63 -9.79 -0.92 -3.16
N ALA A 64 -9.22 -0.91 -4.36
CA ALA A 64 -8.80 -2.16 -5.04
C ALA A 64 -7.36 -2.03 -5.56
N ALA A 65 -6.54 -3.06 -5.36
CA ALA A 65 -5.21 -3.08 -6.00
C ALA A 65 -5.39 -3.14 -7.52
N GLY A 66 -4.60 -2.40 -8.27
CA GLY A 66 -4.67 -2.45 -9.73
C GLY A 66 -5.04 -1.10 -10.31
N TYR A 67 -5.30 -1.08 -11.61
CA TYR A 67 -5.44 0.19 -12.33
C TYR A 67 -6.93 0.48 -12.37
N VAL A 68 -7.32 1.60 -11.78
CA VAL A 68 -8.74 1.99 -11.72
C VAL A 68 -8.91 3.18 -12.66
N ASP A 69 -10.00 3.21 -13.43
CA ASP A 69 -10.19 4.31 -14.39
C ASP A 69 -10.52 5.67 -13.74
N ASP A 70 -10.51 6.73 -14.55
CA ASP A 70 -10.70 8.09 -14.02
C ASP A 70 -12.16 8.36 -13.66
N LYS A 71 -13.07 7.53 -14.16
CA LYS A 71 -14.47 7.63 -13.72
C LYS A 71 -14.69 6.97 -12.33
N ARG A 72 -13.63 6.38 -11.78
CA ARG A 72 -13.68 5.74 -10.44
C ARG A 72 -14.81 4.72 -10.38
N ALA A 73 -14.80 3.83 -11.37
CA ALA A 73 -15.94 2.94 -11.62
C ALA A 73 -15.51 1.56 -12.06
N THR A 74 -14.38 1.47 -12.78
CA THR A 74 -13.99 0.25 -13.45
C THR A 74 -12.59 -0.13 -13.02
N VAL A 75 -12.39 -1.40 -12.67
CA VAL A 75 -11.05 -1.90 -12.44
C VAL A 75 -10.55 -2.40 -13.80
N LEU A 76 -9.58 -1.69 -14.36
CA LEU A 76 -9.08 -2.01 -15.69
C LEU A 76 -8.28 -3.30 -15.65
N PHE A 77 -7.50 -3.46 -14.57
CA PHE A 77 -6.66 -4.63 -14.37
C PHE A 77 -6.39 -4.75 -12.88
N ALA A 78 -6.54 -5.95 -12.33
CA ALA A 78 -6.12 -6.22 -10.95
C ALA A 78 -5.02 -7.30 -10.93
N PRO A 79 -3.97 -7.11 -10.13
CA PRO A 79 -2.85 -8.06 -10.14
C PRO A 79 -3.16 -9.43 -9.51
N ASN A 80 -4.17 -9.48 -8.64
CA ASN A 80 -4.50 -10.71 -7.90
C ASN A 80 -5.93 -11.21 -8.05
N ILE A 81 -6.70 -10.52 -8.88
CA ILE A 81 -8.09 -10.92 -9.15
C ILE A 81 -8.26 -10.93 -10.66
N ASP A 82 -9.03 -11.89 -11.17
CA ASP A 82 -9.27 -11.96 -12.61
C ASP A 82 -10.32 -10.92 -13.00
N TRP A 83 -9.96 -9.65 -12.82
CA TRP A 83 -10.78 -8.53 -13.22
C TRP A 83 -10.07 -7.82 -14.36
N ARG A 84 -10.79 -7.65 -15.46
CA ARG A 84 -10.26 -6.97 -16.64
C ARG A 84 -11.43 -6.14 -17.13
N HIS A 85 -11.27 -4.82 -17.07
CA HIS A 85 -12.38 -3.89 -17.36
C HIS A 85 -13.65 -4.29 -16.59
N GLU A 86 -13.47 -4.55 -15.29
CA GLU A 86 -14.57 -5.01 -14.43
C GLU A 86 -15.38 -3.81 -13.96
N PRO A 87 -16.70 -3.78 -14.28
CA PRO A 87 -17.54 -2.64 -13.90
C PRO A 87 -17.99 -2.79 -12.42
N LEU A 88 -17.03 -2.67 -11.51
CA LEU A 88 -17.26 -2.90 -10.08
C LEU A 88 -18.28 -1.96 -9.46
N LYS A 89 -18.21 -0.68 -9.81
CA LYS A 89 -19.13 0.31 -9.28
C LYS A 89 -20.57 -0.07 -9.61
N ASP A 90 -20.81 -0.35 -10.89
CA ASP A 90 -22.17 -0.69 -11.35
C ASP A 90 -22.74 -1.92 -10.62
N LYS A 91 -21.94 -2.97 -10.51
CA LYS A 91 -22.34 -4.22 -9.90
C LYS A 91 -22.67 -4.05 -8.43
N VAL A 92 -21.85 -3.27 -7.73
CA VAL A 92 -22.10 -3.02 -6.30
C VAL A 92 -23.28 -2.07 -6.04
N GLU A 93 -23.38 -0.98 -6.82
CA GLU A 93 -24.52 -0.05 -6.71
C GLU A 93 -25.84 -0.78 -6.91
N GLN A 94 -25.91 -1.63 -7.93
CA GLN A 94 -27.10 -2.44 -8.20
C GLN A 94 -27.50 -3.26 -6.96
N ARG A 95 -26.51 -3.84 -6.27
CA ARG A 95 -26.73 -4.71 -5.13
C ARG A 95 -26.96 -4.02 -3.77
N VAL A 96 -26.24 -2.94 -3.49
CA VAL A 96 -26.35 -2.29 -2.18
C VAL A 96 -27.32 -1.12 -2.20
N GLY A 97 -27.58 -0.58 -3.39
CA GLY A 97 -28.53 0.55 -3.54
C GLY A 97 -28.09 1.86 -2.93
N LEU A 98 -26.76 2.06 -2.86
CA LEU A 98 -26.14 3.32 -2.44
C LEU A 98 -25.11 3.74 -3.48
N PRO A 99 -24.79 5.03 -3.57
CA PRO A 99 -23.70 5.43 -4.48
C PRO A 99 -22.39 4.75 -4.10
N VAL A 100 -21.61 4.36 -5.11
CA VAL A 100 -20.33 3.67 -4.92
C VAL A 100 -19.25 4.39 -5.70
N VAL A 101 -18.06 4.54 -5.08
CA VAL A 101 -16.88 4.96 -5.83
C VAL A 101 -15.85 3.85 -5.69
N VAL A 102 -15.10 3.61 -6.77
CA VAL A 102 -14.01 2.64 -6.77
C VAL A 102 -12.70 3.43 -6.95
N GLU A 103 -11.72 3.19 -6.08
CA GLU A 103 -10.45 3.91 -6.12
C GLU A 103 -9.33 2.90 -6.07
N ASN A 104 -8.19 3.22 -6.67
CA ASN A 104 -7.00 2.41 -6.42
C ASN A 104 -6.69 2.34 -4.90
N ASP A 105 -6.24 1.19 -4.42
CA ASP A 105 -6.06 0.95 -2.96
C ASP A 105 -5.07 1.91 -2.33
N ALA A 106 -3.96 2.16 -3.04
CA ALA A 106 -2.92 3.02 -2.47
C ALA A 106 -3.27 4.50 -2.61
N ASN A 107 -4.05 4.85 -3.65
CA ASN A 107 -4.65 6.19 -3.70
C ASN A 107 -5.53 6.42 -2.48
N ALA A 108 -6.39 5.46 -2.19
CA ALA A 108 -7.25 5.54 -1.01
C ALA A 108 -6.45 5.69 0.27
N ALA A 109 -5.43 4.85 0.45
CA ALA A 109 -4.56 4.94 1.64
C ALA A 109 -3.85 6.29 1.73
N ALA A 110 -3.41 6.82 0.58
CA ALA A 110 -2.74 8.11 0.53
C ALA A 110 -3.71 9.19 0.99
N TRP A 111 -4.94 9.15 0.49
CA TRP A 111 -5.92 10.16 0.88
C TRP A 111 -6.23 10.03 2.39
N GLY A 112 -6.36 8.80 2.89
CA GLY A 112 -6.54 8.59 4.34
C GLY A 112 -5.41 9.24 5.15
N GLU A 113 -4.16 8.96 4.78
CA GLU A 113 -3.00 9.54 5.50
C GLU A 113 -2.95 11.06 5.38
N TYR A 114 -3.28 11.55 4.20
CA TYR A 114 -3.29 12.98 3.97
C TYR A 114 -4.36 13.70 4.83
N ARG A 115 -5.58 13.18 4.82
CA ARG A 115 -6.70 13.86 5.49
C ARG A 115 -6.69 13.66 7.01
N PHE A 116 -6.35 12.45 7.44
CA PHE A 116 -6.53 12.03 8.86
C PHE A 116 -5.23 11.53 9.52
N GLY A 117 -4.16 11.40 8.75
CA GLY A 117 -2.93 10.83 9.28
C GLY A 117 -1.74 11.80 9.20
N ALA A 118 -0.60 11.28 8.74
CA ALA A 118 0.67 12.00 8.77
C ALA A 118 0.77 13.16 7.79
N GLY A 119 -0.18 13.26 6.86
CA GLY A 119 -0.15 14.30 5.84
C GLY A 119 -0.80 15.61 6.21
N GLN A 120 -1.47 15.66 7.36
CA GLN A 120 -2.20 16.86 7.76
C GLN A 120 -1.25 18.06 7.89
N GLY A 121 -1.65 19.22 7.35
CA GLY A 121 -0.77 20.39 7.40
C GLY A 121 0.13 20.57 6.18
N HIS A 122 0.18 19.58 5.30
CA HIS A 122 0.95 19.70 4.07
C HIS A 122 -0.01 19.94 2.91
N ASP A 123 0.45 20.56 1.84
CA ASP A 123 -0.39 20.75 0.63
C ASP A 123 0.01 19.80 -0.49
N ASP A 124 1.28 19.38 -0.49
CA ASP A 124 1.85 18.57 -1.57
C ASP A 124 2.65 17.41 -0.93
N VAL A 125 2.10 16.21 -0.95
CA VAL A 125 2.73 15.05 -0.30
C VAL A 125 2.65 13.83 -1.20
N ILE A 126 3.63 12.96 -1.09
CA ILE A 126 3.65 11.73 -1.85
C ILE A 126 3.62 10.62 -0.81
N CYS A 127 2.65 9.71 -0.93
CA CYS A 127 2.56 8.58 0.01
C CYS A 127 3.04 7.33 -0.69
N ILE A 128 3.79 6.47 0.01
CA ILE A 128 4.25 5.23 -0.58
C ILE A 128 3.81 4.11 0.38
N THR A 129 3.33 3.00 -0.17
CA THR A 129 2.98 1.83 0.61
C THR A 129 3.92 0.70 0.24
N LEU A 130 4.75 0.27 1.19
CA LEU A 130 5.63 -0.87 1.02
C LEU A 130 4.98 -2.09 1.66
N GLY A 131 4.27 -2.88 0.86
CA GLY A 131 3.55 -4.03 1.38
C GLY A 131 3.89 -5.24 0.55
N THR A 132 2.95 -6.16 0.37
CA THR A 132 3.20 -7.27 -0.55
C THR A 132 3.51 -6.74 -1.96
N GLY A 133 2.73 -5.74 -2.38
CA GLY A 133 2.99 -4.97 -3.60
C GLY A 133 3.48 -3.60 -3.17
N LEU A 134 3.87 -2.78 -4.15
CA LEU A 134 4.34 -1.46 -3.81
C LEU A 134 3.40 -0.49 -4.50
N GLY A 135 2.79 0.42 -3.74
CA GLY A 135 1.90 1.40 -4.35
C GLY A 135 2.15 2.78 -3.78
N GLY A 136 1.37 3.73 -4.24
CA GLY A 136 1.43 5.06 -3.62
C GLY A 136 0.31 5.94 -4.10
N GLY A 137 0.35 7.19 -3.69
CA GLY A 137 -0.64 8.17 -4.07
C GLY A 137 -0.01 9.56 -4.09
N ILE A 138 -0.58 10.43 -4.91
CA ILE A 138 -0.10 11.77 -5.10
C ILE A 138 -1.12 12.78 -4.62
N ILE A 139 -0.69 13.65 -3.70
CA ILE A 139 -1.47 14.83 -3.33
C ILE A 139 -0.73 16.07 -3.79
N ILE A 140 -1.38 16.85 -4.65
CA ILE A 140 -0.79 18.11 -5.14
C ILE A 140 -1.86 19.17 -5.03
N GLY A 141 -1.50 20.30 -4.45
CA GLY A 141 -2.47 21.38 -4.15
C GLY A 141 -3.70 20.89 -3.43
N ASN A 142 -3.48 20.05 -2.41
CA ASN A 142 -4.53 19.52 -1.55
C ASN A 142 -5.53 18.57 -2.20
N LYS A 143 -5.21 18.03 -3.38
CA LYS A 143 -6.13 17.11 -4.09
C LYS A 143 -5.39 15.86 -4.54
N LEU A 144 -6.07 14.72 -4.41
CA LEU A 144 -5.55 13.46 -4.93
C LEU A 144 -5.50 13.58 -6.45
N ARG A 145 -4.39 13.16 -7.05
CA ARG A 145 -4.21 13.26 -8.50
C ARG A 145 -4.14 11.84 -9.09
N ARG A 146 -5.19 11.45 -9.82
CA ARG A 146 -5.28 10.13 -10.43
C ARG A 146 -4.83 10.09 -11.87
N GLY A 147 -4.48 11.25 -12.43
CA GLY A 147 -4.04 11.33 -13.83
C GLY A 147 -5.23 11.40 -14.80
N ARG A 148 -4.94 11.55 -16.08
CA ARG A 148 -5.99 11.68 -17.09
C ARG A 148 -6.87 10.43 -17.15
N PHE A 149 -6.26 9.24 -17.07
CA PHE A 149 -7.00 8.00 -17.25
C PHE A 149 -7.19 7.20 -15.95
N GLY A 150 -6.81 7.79 -14.80
CA GLY A 150 -7.08 7.19 -13.48
C GLY A 150 -5.89 6.41 -12.95
N VAL A 151 -4.88 6.24 -13.79
CA VAL A 151 -3.79 5.27 -13.48
C VAL A 151 -2.46 5.88 -13.03
N ALA A 152 -2.51 7.10 -12.48
CA ALA A 152 -1.30 7.73 -11.95
C ALA A 152 -0.82 7.00 -10.70
N ALA A 153 0.40 7.32 -10.26
CA ALA A 153 0.97 6.80 -9.02
C ALA A 153 1.00 5.26 -9.01
N GLU A 154 1.27 4.66 -10.17
CA GLU A 154 1.70 3.25 -10.16
C GLU A 154 3.21 3.18 -9.86
N PHE A 155 3.58 3.67 -8.68
CA PHE A 155 4.99 3.72 -8.27
C PHE A 155 5.68 2.36 -8.27
N GLY A 156 4.92 1.30 -7.99
CA GLY A 156 5.52 -0.02 -7.96
C GLY A 156 6.08 -0.45 -9.29
N HIS A 157 5.62 0.16 -10.38
CA HIS A 157 6.01 -0.31 -11.71
C HIS A 157 6.86 0.67 -12.51
N ILE A 158 7.49 1.62 -11.82
CA ILE A 158 8.58 2.37 -12.48
C ILE A 158 9.82 1.47 -12.54
N ARG A 159 10.57 1.55 -13.65
CA ARG A 159 11.70 0.68 -13.85
C ARG A 159 12.91 1.22 -13.10
N VAL A 160 13.37 0.51 -12.08
CA VAL A 160 14.57 0.94 -11.37
C VAL A 160 15.79 0.14 -11.79
N VAL A 161 15.58 -1.04 -12.38
CA VAL A 161 16.68 -1.85 -12.89
C VAL A 161 16.42 -2.20 -14.36
N PRO A 162 17.17 -1.58 -15.30
CA PRO A 162 17.01 -1.97 -16.71
C PRO A 162 17.34 -3.46 -16.84
N ASP A 163 16.55 -4.19 -17.61
CA ASP A 163 16.73 -5.64 -17.78
C ASP A 163 16.59 -6.43 -16.47
N GLY A 164 15.85 -5.87 -15.51
CA GLY A 164 15.72 -6.48 -14.19
C GLY A 164 14.69 -7.59 -14.10
N LEU A 165 14.28 -7.88 -12.86
CA LEU A 165 13.37 -8.98 -12.57
C LEU A 165 12.02 -8.87 -13.27
N LEU A 166 11.51 -10.01 -13.76
CA LEU A 166 10.14 -10.05 -14.30
C LEU A 166 9.16 -9.73 -13.18
N CYS A 167 8.17 -8.90 -13.48
CA CYS A 167 7.18 -8.45 -12.51
C CYS A 167 5.78 -8.97 -12.88
N GLY A 168 4.89 -9.06 -11.89
CA GLY A 168 3.51 -9.46 -12.14
C GLY A 168 2.76 -8.55 -13.11
N CYS A 169 3.21 -7.30 -13.25
CA CYS A 169 2.58 -6.38 -14.23
C CYS A 169 2.83 -6.76 -15.68
N GLY A 170 3.80 -7.63 -15.92
CA GLY A 170 4.18 -8.02 -17.28
C GLY A 170 5.51 -7.43 -17.75
N SER A 171 6.05 -6.46 -17.00
CA SER A 171 7.28 -5.79 -17.41
C SER A 171 8.49 -6.34 -16.63
N GLN A 172 9.60 -5.59 -16.67
CA GLN A 172 10.84 -5.96 -16.00
C GLN A 172 11.41 -4.81 -15.19
N GLY A 173 12.03 -5.18 -14.08
CA GLY A 173 12.89 -4.22 -13.33
C GLY A 173 12.13 -3.24 -12.47
N CYS A 174 10.84 -3.52 -12.24
CA CYS A 174 9.96 -2.64 -11.44
C CYS A 174 10.42 -2.46 -9.98
N TRP A 175 10.18 -1.25 -9.46
CA TRP A 175 10.54 -0.90 -8.07
C TRP A 175 9.96 -1.92 -7.09
N GLU A 176 8.75 -2.42 -7.38
CA GLU A 176 8.08 -3.41 -6.54
C GLU A 176 8.88 -4.71 -6.40
N GLN A 177 9.70 -5.05 -7.40
CA GLN A 177 10.53 -6.25 -7.32
C GLN A 177 11.72 -6.09 -6.37
N TYR A 178 11.99 -4.87 -5.92
CA TYR A 178 13.17 -4.58 -5.10
C TYR A 178 12.85 -3.95 -3.74
N ALA A 179 11.66 -3.36 -3.58
CA ALA A 179 11.38 -2.61 -2.34
C ALA A 179 10.09 -3.05 -1.63
N SER A 180 9.47 -4.11 -2.10
CA SER A 180 8.26 -4.64 -1.47
C SER A 180 8.59 -5.76 -0.49
N GLY A 181 7.56 -6.25 0.21
CA GLY A 181 7.72 -7.41 1.11
C GLY A 181 8.23 -8.66 0.41
N ARG A 182 7.83 -8.86 -0.86
CA ARG A 182 8.35 -10.01 -1.61
C ARG A 182 9.86 -9.91 -1.88
N ALA A 183 10.35 -8.69 -2.12
CA ALA A 183 11.80 -8.48 -2.24
C ALA A 183 12.50 -8.76 -0.91
N LEU A 184 11.92 -8.28 0.19
CA LEU A 184 12.50 -8.55 1.51
C LEU A 184 12.76 -10.05 1.70
N VAL A 185 11.76 -10.87 1.34
CA VAL A 185 11.84 -12.32 1.48
C VAL A 185 12.93 -12.90 0.57
N ARG A 186 13.04 -12.37 -0.65
CA ARG A 186 14.11 -12.82 -1.55
C ARG A 186 15.50 -12.52 -0.93
N TYR A 187 15.69 -11.31 -0.41
CA TYR A 187 17.00 -10.98 0.17
C TYR A 187 17.33 -11.90 1.33
N ALA A 188 16.35 -12.15 2.20
CA ALA A 188 16.58 -13.00 3.37
C ALA A 188 16.91 -14.42 2.97
N LYS A 189 16.17 -14.95 2.00
CA LYS A 189 16.47 -16.29 1.51
C LYS A 189 17.86 -16.41 0.91
N GLN A 190 18.27 -15.42 0.13
CA GLN A 190 19.57 -15.47 -0.55
C GLN A 190 20.68 -15.34 0.50
N ARG A 191 20.47 -14.48 1.48
CA ARG A 191 21.45 -14.29 2.56
C ARG A 191 21.50 -15.50 3.52
N ALA A 192 20.35 -16.08 3.83
CA ALA A 192 20.31 -17.27 4.72
C ALA A 192 20.95 -18.46 4.01
N ASN A 193 20.74 -18.57 2.70
CA ASN A 193 21.43 -19.61 1.92
C ASN A 193 22.96 -19.44 1.96
N ALA A 194 23.43 -18.20 1.87
CA ALA A 194 24.87 -17.93 1.89
C ALA A 194 25.52 -18.31 3.22
N THR A 195 24.87 -17.90 4.31
CA THR A 195 25.44 -18.02 5.67
C THR A 195 24.32 -18.42 6.67
N PRO A 196 23.93 -19.70 6.68
CA PRO A 196 22.80 -20.08 7.55
C PRO A 196 23.08 -19.88 9.05
N GLU A 197 24.36 -19.95 9.45
CA GLU A 197 24.76 -19.70 10.85
C GLU A 197 24.43 -18.29 11.31
N ASN A 198 24.33 -17.34 10.36
CA ASN A 198 23.93 -15.96 10.69
C ASN A 198 22.42 -15.73 10.65
N ALA A 199 21.67 -16.81 10.43
CA ALA A 199 20.22 -16.76 10.35
C ALA A 199 19.56 -17.76 11.32
N ALA A 200 20.28 -18.14 12.38
CA ALA A 200 19.72 -19.10 13.37
C ALA A 200 18.34 -18.71 13.88
N VAL A 201 18.23 -17.47 14.36
CA VAL A 201 17.00 -16.95 14.92
C VAL A 201 15.91 -16.95 13.86
N LEU A 202 16.23 -16.40 12.68
CA LEU A 202 15.28 -16.36 11.58
C LEU A 202 14.73 -17.72 11.19
N LEU A 203 15.62 -18.67 10.96
CA LEU A 203 15.22 -20.01 10.57
C LEU A 203 14.45 -20.73 11.70
N GLY A 204 14.80 -20.45 12.95
CA GLY A 204 14.09 -20.99 14.11
C GLY A 204 12.62 -20.56 14.18
N LEU A 205 12.32 -19.37 13.65
CA LEU A 205 10.96 -18.82 13.67
C LEU A 205 10.02 -19.48 12.66
N GLY A 206 10.58 -20.18 11.68
CA GLY A 206 9.81 -20.86 10.65
C GLY A 206 9.97 -22.34 10.86
N ASP A 207 10.16 -23.08 9.77
CA ASP A 207 10.35 -24.53 9.88
C ASP A 207 11.82 -24.94 9.88
N GLY A 208 12.73 -23.97 9.88
CA GLY A 208 14.16 -24.28 9.89
C GLY A 208 14.85 -24.36 8.55
N SER A 209 14.07 -24.32 7.46
CA SER A 209 14.65 -24.33 6.12
C SER A 209 14.59 -22.91 5.51
N VAL A 210 15.46 -22.66 4.54
CA VAL A 210 15.46 -21.39 3.79
C VAL A 210 14.11 -21.16 3.08
N ASP A 211 13.58 -22.23 2.48
CA ASP A 211 12.25 -22.22 1.84
C ASP A 211 11.13 -21.76 2.76
N GLY A 212 11.25 -22.08 4.05
CA GLY A 212 10.24 -21.71 5.04
C GLY A 212 10.20 -20.28 5.52
N ILE A 213 11.22 -19.48 5.16
CA ILE A 213 11.28 -18.08 5.60
C ILE A 213 10.09 -17.28 5.06
N GLU A 214 9.37 -16.63 5.96
CA GLU A 214 8.25 -15.74 5.60
C GLU A 214 8.49 -14.33 6.09
N GLY A 215 7.80 -13.36 5.51
CA GLY A 215 7.94 -11.95 5.90
C GLY A 215 7.81 -11.64 7.38
N LYS A 216 6.81 -12.23 8.04
CA LYS A 216 6.58 -12.05 9.48
C LYS A 216 7.81 -12.42 10.30
N HIS A 217 8.50 -13.48 9.89
CA HIS A 217 9.70 -13.94 10.58
C HIS A 217 10.83 -12.93 10.55
N ILE A 218 10.93 -12.23 9.40
CA ILE A 218 12.05 -11.35 9.15
C ILE A 218 11.98 -10.14 10.08
N SER A 219 10.79 -9.58 10.27
CA SER A 219 10.64 -8.43 11.17
C SER A 219 11.05 -8.77 12.61
N GLU A 220 10.53 -9.89 13.08
CA GLU A 220 10.81 -10.35 14.46
C GLU A 220 12.28 -10.71 14.67
N ALA A 221 12.87 -11.37 13.68
CA ALA A 221 14.27 -11.72 13.78
C ALA A 221 15.17 -10.49 13.77
N ALA A 222 14.84 -9.47 12.95
CA ALA A 222 15.69 -8.29 12.80
C ALA A 222 15.70 -7.49 14.11
N ARG A 223 14.56 -7.51 14.76
CA ARG A 223 14.39 -6.80 16.03
C ARG A 223 15.38 -7.36 17.06
N GLN A 224 15.56 -8.69 17.02
CA GLN A 224 16.45 -9.44 17.92
C GLN A 224 17.91 -9.30 17.54
N GLY A 225 18.17 -8.63 16.41
CA GLY A 225 19.50 -8.46 15.91
C GLY A 225 20.00 -9.60 15.04
N ASP A 226 19.10 -10.51 14.61
CA ASP A 226 19.46 -11.55 13.60
C ASP A 226 20.12 -10.88 12.41
N PRO A 227 21.42 -11.15 12.17
CA PRO A 227 22.20 -10.46 11.14
C PRO A 227 21.57 -10.56 9.73
N VAL A 228 21.13 -11.76 9.33
CA VAL A 228 20.52 -11.92 8.01
C VAL A 228 19.26 -11.07 7.87
N ALA A 229 18.40 -11.11 8.89
CA ALA A 229 17.15 -10.37 8.86
C ALA A 229 17.41 -8.87 8.82
N VAL A 230 18.34 -8.40 9.65
CA VAL A 230 18.76 -6.98 9.63
C VAL A 230 19.30 -6.53 8.29
N ASP A 231 20.20 -7.32 7.72
CA ASP A 231 20.84 -7.00 6.47
C ASP A 231 19.80 -6.98 5.34
N SER A 232 18.76 -7.80 5.48
CA SER A 232 17.70 -7.87 4.45
C SER A 232 16.89 -6.58 4.45
N PHE A 233 16.56 -6.08 5.64
CA PHE A 233 15.91 -4.76 5.73
C PHE A 233 16.78 -3.66 5.18
N ARG A 234 18.09 -3.73 5.43
CA ARG A 234 18.99 -2.72 4.91
C ARG A 234 19.08 -2.73 3.39
N GLU A 235 19.08 -3.93 2.81
CA GLU A 235 19.07 -4.05 1.36
C GLU A 235 17.79 -3.45 0.77
N LEU A 236 16.64 -3.77 1.38
CA LEU A 236 15.35 -3.22 0.92
C LEU A 236 15.38 -1.68 1.06
N ALA A 237 15.94 -1.21 2.18
CA ALA A 237 15.96 0.24 2.46
C ALA A 237 16.75 1.03 1.45
N ARG A 238 17.81 0.43 0.91
CA ARG A 238 18.57 1.10 -0.13
C ARG A 238 17.71 1.35 -1.36
N TRP A 239 16.94 0.34 -1.76
CA TRP A 239 16.04 0.51 -2.92
C TRP A 239 14.92 1.48 -2.59
N ALA A 240 14.33 1.36 -1.40
CA ALA A 240 13.22 2.23 -1.05
C ALA A 240 13.67 3.70 -0.98
N GLY A 241 14.83 3.94 -0.34
CA GLY A 241 15.35 5.32 -0.21
C GLY A 241 15.77 5.92 -1.54
N ALA A 242 16.42 5.11 -2.39
CA ALA A 242 16.82 5.60 -3.73
C ALA A 242 15.56 5.98 -4.55
N GLY A 243 14.53 5.15 -4.47
CA GLY A 243 13.27 5.45 -5.15
C GLY A 243 12.62 6.73 -4.62
N LEU A 244 12.65 6.95 -3.30
CA LEU A 244 12.14 8.21 -2.76
C LEU A 244 12.92 9.40 -3.29
N ALA A 245 14.23 9.24 -3.38
CA ALA A 245 15.07 10.29 -3.97
C ALA A 245 14.64 10.64 -5.41
N ASP A 246 14.35 9.63 -6.24
CA ASP A 246 13.83 9.87 -7.60
C ASP A 246 12.48 10.60 -7.55
N LEU A 247 11.60 10.17 -6.65
CA LEU A 247 10.31 10.85 -6.52
C LEU A 247 10.48 12.29 -6.09
N ALA A 248 11.51 12.59 -5.29
CA ALA A 248 11.76 14.00 -4.91
C ALA A 248 12.15 14.82 -6.15
N SER A 249 12.95 14.23 -7.04
CA SER A 249 13.31 14.94 -8.29
C SER A 249 12.12 15.14 -9.21
N LEU A 250 11.15 14.23 -9.13
CA LEU A 250 9.95 14.32 -9.96
C LEU A 250 8.93 15.29 -9.39
N PHE A 251 8.54 15.08 -8.13
CA PHE A 251 7.43 15.82 -7.54
C PHE A 251 7.82 16.94 -6.57
N ASP A 252 9.02 16.85 -6.02
CA ASP A 252 9.52 17.81 -5.01
C ASP A 252 8.48 18.14 -3.92
N PRO A 253 7.94 17.11 -3.24
CA PRO A 253 6.86 17.38 -2.26
C PRO A 253 7.40 17.98 -0.96
N SER A 254 6.49 18.48 -0.11
CA SER A 254 6.82 18.87 1.25
C SER A 254 7.30 17.64 2.06
N ALA A 255 6.65 16.51 1.83
CA ALA A 255 6.87 15.32 2.64
C ALA A 255 6.53 14.07 1.88
N PHE A 256 7.21 12.99 2.24
CA PHE A 256 6.86 11.64 1.88
C PHE A 256 6.25 10.97 3.13
N ILE A 257 5.19 10.21 2.92
CA ILE A 257 4.61 9.40 4.01
C ILE A 257 4.85 7.96 3.62
N VAL A 258 5.59 7.23 4.46
CA VAL A 258 5.99 5.88 4.12
C VAL A 258 5.20 4.93 5.03
N GLY A 259 4.42 4.05 4.42
CA GLY A 259 3.56 3.14 5.16
C GLY A 259 3.64 1.76 4.57
N GLY A 260 2.65 0.94 4.92
CA GLY A 260 2.59 -0.47 4.50
C GLY A 260 3.23 -1.42 5.49
N GLY A 261 3.01 -2.72 5.28
CA GLY A 261 3.45 -3.76 6.24
C GLY A 261 4.95 -3.76 6.48
N VAL A 262 5.73 -3.49 5.45
CA VAL A 262 7.18 -3.46 5.61
C VAL A 262 7.61 -2.38 6.61
N SER A 263 6.94 -1.23 6.56
CA SER A 263 7.31 -0.07 7.39
C SER A 263 6.89 -0.24 8.86
N ASP A 264 6.11 -1.29 9.14
CA ASP A 264 5.50 -1.50 10.48
C ASP A 264 6.49 -1.72 11.57
N GLU A 265 7.67 -2.25 11.25
CA GLU A 265 8.66 -2.45 12.28
C GLU A 265 9.13 -1.12 12.84
N GLY A 266 8.96 -0.03 12.10
CA GLY A 266 9.26 1.29 12.61
C GLY A 266 10.64 1.77 12.20
N GLU A 267 11.34 2.40 13.13
CA GLU A 267 12.64 3.04 12.81
C GLU A 267 13.69 2.07 12.32
N LEU A 268 13.57 0.79 12.70
CA LEU A 268 14.50 -0.23 12.16
C LEU A 268 14.60 -0.15 10.64
N VAL A 269 13.47 0.08 9.97
CA VAL A 269 13.48 0.24 8.52
C VAL A 269 13.41 1.71 8.05
N LEU A 270 12.68 2.57 8.77
CA LEU A 270 12.56 3.96 8.32
C LEU A 270 13.87 4.74 8.39
N ASP A 271 14.69 4.47 9.40
CA ASP A 271 15.96 5.18 9.53
C ASP A 271 16.90 4.90 8.34
N PRO A 272 17.14 3.60 8.01
CA PRO A 272 17.93 3.36 6.78
C PRO A 272 17.30 3.89 5.49
N ILE A 273 15.97 3.88 5.40
CA ILE A 273 15.32 4.50 4.24
C ILE A 273 15.69 5.99 4.17
N ARG A 274 15.62 6.69 5.30
CA ARG A 274 16.01 8.11 5.32
C ARG A 274 17.47 8.29 4.92
N LYS A 275 18.36 7.43 5.42
CA LYS A 275 19.78 7.57 5.08
C LYS A 275 20.04 7.40 3.58
N SER A 276 19.33 6.46 2.95
CA SER A 276 19.49 6.25 1.50
C SER A 276 18.87 7.37 0.71
N PHE A 277 17.73 7.88 1.19
CA PHE A 277 17.10 9.03 0.56
C PHE A 277 18.12 10.18 0.48
N ARG A 278 18.74 10.48 1.61
CA ARG A 278 19.74 11.56 1.69
C ARG A 278 20.95 11.30 0.80
N ARG A 279 21.37 10.04 0.71
CA ARG A 279 22.50 9.70 -0.14
C ARG A 279 22.22 9.99 -1.61
N TRP A 280 20.99 9.67 -2.05
CA TRP A 280 20.66 9.75 -3.48
C TRP A 280 19.88 10.99 -3.91
N LEU A 281 19.50 11.85 -2.96
CA LEU A 281 18.78 13.07 -3.30
C LEU A 281 19.65 14.00 -4.16
N ILE A 282 19.26 14.22 -5.40
CA ILE A 282 20.14 15.01 -6.29
C ILE A 282 20.04 16.47 -5.91
N GLY A 283 21.17 17.16 -5.90
CA GLY A 283 21.20 18.56 -5.51
C GLY A 283 20.91 18.78 -4.03
N GLY A 284 21.09 17.72 -3.23
CA GLY A 284 20.77 17.78 -1.78
C GLY A 284 21.56 18.83 -1.00
N GLU A 285 22.72 19.23 -1.53
CA GLU A 285 23.49 20.31 -0.92
C GLU A 285 22.77 21.69 -1.05
N TRP A 286 21.96 21.85 -2.10
CA TRP A 286 21.46 23.17 -2.51
C TRP A 286 19.96 23.37 -2.34
N ARG A 287 19.21 22.27 -2.23
CA ARG A 287 17.76 22.33 -2.21
C ARG A 287 17.26 21.87 -0.82
N PRO A 288 16.05 22.32 -0.43
CA PRO A 288 15.47 21.78 0.82
C PRO A 288 15.13 20.29 0.72
N HIS A 289 15.25 19.57 1.83
CA HIS A 289 14.94 18.15 1.85
C HIS A 289 13.50 17.91 2.29
N ALA A 290 12.76 17.14 1.50
CA ALA A 290 11.46 16.69 1.94
C ALA A 290 11.58 15.95 3.27
N GLN A 291 10.59 16.11 4.13
CA GLN A 291 10.47 15.25 5.33
C GLN A 291 10.06 13.85 4.91
N VAL A 292 10.63 12.85 5.56
CA VAL A 292 10.20 11.47 5.35
C VAL A 292 9.52 11.06 6.66
N LEU A 293 8.20 10.89 6.58
CA LEU A 293 7.35 10.74 7.76
C LEU A 293 6.79 9.34 7.86
N ALA A 294 6.61 8.88 9.11
CA ALA A 294 5.98 7.59 9.33
C ALA A 294 4.47 7.76 9.14
N ALA A 295 3.86 6.81 8.43
CA ALA A 295 2.39 6.74 8.35
C ALA A 295 1.82 6.56 9.77
N GLN A 296 0.61 7.07 9.97
CA GLN A 296 -0.06 7.03 11.30
C GLN A 296 -1.27 6.09 11.40
N LEU A 297 -1.88 5.74 10.29
CA LEU A 297 -3.17 5.00 10.34
C LEU A 297 -3.00 3.49 10.20
N GLY A 298 -1.76 3.04 9.94
CA GLY A 298 -1.47 1.63 9.73
C GLY A 298 -2.30 1.02 8.61
N GLY A 299 -2.77 -0.20 8.84
CA GLY A 299 -3.50 -0.95 7.84
C GLY A 299 -4.90 -0.40 7.59
N LYS A 300 -5.34 0.55 8.42
CA LYS A 300 -6.67 1.13 8.28
C LYS A 300 -6.74 2.30 7.28
N ALA A 301 -5.59 2.74 6.77
CA ALA A 301 -5.55 3.97 5.93
C ALA A 301 -6.45 3.84 4.68
N GLY A 302 -6.41 2.68 4.01
CA GLY A 302 -7.17 2.53 2.76
C GLY A 302 -8.67 2.52 3.03
N LEU A 303 -9.07 1.85 4.11
CA LEU A 303 -10.50 1.80 4.49
C LEU A 303 -11.03 3.21 4.77
N VAL A 304 -10.34 3.94 5.63
CA VAL A 304 -10.69 5.31 5.97
C VAL A 304 -10.67 6.23 4.73
N GLY A 305 -9.61 6.10 3.94
CA GLY A 305 -9.47 6.95 2.75
C GLY A 305 -10.56 6.67 1.73
N ALA A 306 -10.84 5.38 1.48
CA ALA A 306 -11.91 5.03 0.52
C ALA A 306 -13.27 5.54 0.99
N ALA A 307 -13.55 5.40 2.29
CA ALA A 307 -14.80 5.95 2.82
C ALA A 307 -14.88 7.46 2.59
N ASP A 308 -13.78 8.16 2.80
CA ASP A 308 -13.83 9.62 2.68
C ASP A 308 -13.93 10.06 1.21
N LEU A 309 -13.26 9.32 0.33
CA LEU A 309 -13.34 9.60 -1.11
C LEU A 309 -14.76 9.42 -1.62
N ALA A 310 -15.50 8.48 -1.02
CA ALA A 310 -16.92 8.31 -1.34
C ALA A 310 -17.77 9.56 -1.03
N ARG A 311 -17.30 10.44 -0.15
CA ARG A 311 -17.99 11.73 0.12
C ARG A 311 -17.83 12.76 -0.97
N GLN A 312 -16.61 12.87 -1.52
CA GLN A 312 -16.28 13.83 -2.56
C GLN A 312 -16.99 13.39 -3.84
N GLY A 313 -18.25 13.80 -3.97
CA GLY A 313 -19.14 13.37 -5.06
C GLY A 313 -20.60 13.29 -4.63
C2 BGC B . -0.45 -2.49 -8.06
C3 BGC B . -1.03 -1.21 -7.46
C4 BGC B . -1.31 -1.35 -5.96
C5 BGC B . -0.11 -1.96 -5.23
C6 BGC B . -0.41 -2.21 -3.74
C1 BGC B . 0.74 -2.91 -7.17
O1 BGC B . 1.31 -4.09 -7.65
O2 BGC B . -0.03 -2.29 -9.40
O3 BGC B . -2.18 -0.80 -8.16
O4 BGC B . -1.61 -0.06 -5.41
O5 BGC B . 0.24 -3.20 -5.87
O6 BGC B . -1.49 -3.13 -3.65
ZN ZN C . 5.80 -4.17 -12.55
K K D . -1.86 4.59 -6.95
#